data_1XCW
#
_entry.id   1XCW
#
_cell.length_a   52.9
_cell.length_b   69.0
_cell.length_c   131.9
_cell.angle_alpha   90.0
_cell.angle_beta   90.0
_cell.angle_gamma   90.0
#
_symmetry.space_group_name_H-M   'P 21 21 21'
#
loop_
_entity.id
_entity.type
_entity.pdbx_description
1 polymer Alpha-amylase
2 branched 4,6-dideoxy-4-{[(1S,4R,5S,6S)-4,5,6-trihydroxy-3-(hydroxymethyl)cyclohex-2-en-1-yl]amino}-alpha-D-glucopyranose-(1-4)-alpha-D-glucopyranose
3 non-polymer 'CALCIUM ION'
4 non-polymer 'CHLORIDE ION'
5 non-polymer 2-acetamido-2-deoxy-beta-D-glucopyranose
6 water water
#
_entity_poly.entity_id   1
_entity_poly.type   'polypeptide(L)'
_entity_poly.pdbx_seq_one_letter_code
;(PCA)YSPNTQQGRTSIVHLFEWRWVDIALECERYLAPKGFGGVQVSPPNENVAIYNPFRPWWERYQPVSYKLCTRSGNE
DEFRNMVTRCNNVGVRIYVDAVINHMCGNAVSAGTSSTCGSYFNPGSRDFPAVPYSGWDFNDGKCKTGSGDIENYNDATQ
VRDCRLTGLLDLALEKDYVRSKIAEYMNHLIDIGVAGFRLDASKHMWPGDIKAILDKLHNLNSNWFPAGSKPFIYQEVID
LGGEPIKSSDYFGNGRVTEFKYGAKLGTVIRKWNGEKMSYLKNWGEGWGFVPSDRALVFVDNHDNQRGHGAGGASILTFW
DARLYKMAVGFMLAHPYGFTRVMSSYRWPRQFQNGNDVNDWVGPPNNNGVIKEVTINPDTTCGNDWVCEHRWRQIRNMVI
FRNVVDGQPFTNWYDNGSNQVAFGRGNRGFIVFNNDDWSFSLTLQTGLPAGTYCDVISGDKINGNCTGIKIYVSDDGKAH
FSISNSAEDPFIAIHAESKL
;
_entity_poly.pdbx_strand_id   A
#
# COMPACT_ATOMS: atom_id res chain seq x y z
N TYR A 2 0.97 16.44 -0.87
CA TYR A 2 2.14 15.63 -1.21
C TYR A 2 2.82 15.11 0.04
N SER A 3 2.61 15.82 1.15
CA SER A 3 3.23 15.44 2.43
C SER A 3 2.32 14.55 3.25
N PRO A 4 2.91 13.55 3.92
CA PRO A 4 2.16 12.63 4.77
C PRO A 4 2.12 13.27 6.15
N ASN A 5 0.93 13.58 6.62
CA ASN A 5 0.82 14.19 7.92
C ASN A 5 1.09 13.16 9.00
N THR A 6 2.16 12.40 8.80
CA THR A 6 2.57 11.39 9.75
C THR A 6 3.38 12.10 10.85
N GLN A 7 3.49 11.48 12.01
CA GLN A 7 4.24 12.04 13.12
C GLN A 7 5.71 12.04 12.75
N GLN A 8 6.44 13.07 13.19
CA GLN A 8 7.87 13.19 12.87
C GLN A 8 8.62 11.94 13.33
N GLY A 9 9.38 11.35 12.42
CA GLY A 9 10.14 10.16 12.77
C GLY A 9 9.53 8.88 12.24
N ARG A 10 8.30 8.95 11.72
CA ARG A 10 7.61 7.79 11.18
C ARG A 10 7.48 7.96 9.66
N THR A 11 8.02 6.99 8.93
CA THR A 11 8.07 7.07 7.48
C THR A 11 7.34 6.04 6.62
N SER A 12 6.49 5.21 7.22
CA SER A 12 5.79 4.22 6.42
C SER A 12 4.36 4.05 6.83
N ILE A 13 3.57 3.50 5.92
CA ILE A 13 2.18 3.22 6.23
C ILE A 13 2.04 1.73 5.92
N VAL A 14 1.02 1.11 6.49
CA VAL A 14 0.78 -0.32 6.27
C VAL A 14 -0.67 -0.46 5.81
N HIS A 15 -0.89 -1.34 4.84
CA HIS A 15 -2.22 -1.61 4.32
C HIS A 15 -2.80 -2.81 5.07
N LEU A 16 -3.71 -2.56 6.00
CA LEU A 16 -4.36 -3.63 6.76
C LEU A 16 -5.61 -3.99 5.97
N PHE A 17 -5.37 -4.67 4.85
CA PHE A 17 -6.39 -5.11 3.91
C PHE A 17 -7.52 -5.90 4.58
N GLU A 18 -8.74 -5.39 4.46
CA GLU A 18 -9.93 -6.05 5.01
C GLU A 18 -10.01 -6.22 6.52
N TRP A 19 -9.16 -5.51 7.26
CA TRP A 19 -9.20 -5.59 8.71
C TRP A 19 -10.44 -4.90 9.27
N ARG A 20 -10.94 -5.38 10.39
CA ARG A 20 -12.11 -4.78 11.04
C ARG A 20 -11.64 -3.53 11.77
N TRP A 21 -12.52 -2.54 11.92
CA TRP A 21 -12.18 -1.29 12.59
C TRP A 21 -11.69 -1.53 14.02
N VAL A 22 -12.35 -2.41 14.76
CA VAL A 22 -11.96 -2.68 16.14
C VAL A 22 -10.56 -3.31 16.24
N ASP A 23 -10.18 -4.11 15.24
CA ASP A 23 -8.88 -4.74 15.24
C ASP A 23 -7.77 -3.73 14.93
N ILE A 24 -8.05 -2.79 14.04
CA ILE A 24 -7.09 -1.76 13.70
C ILE A 24 -6.83 -0.83 14.89
N ALA A 25 -7.90 -0.42 15.59
CA ALA A 25 -7.72 0.45 16.75
C ALA A 25 -6.78 -0.19 17.77
N LEU A 26 -6.95 -1.50 18.00
CA LEU A 26 -6.10 -2.23 18.95
C LEU A 26 -4.68 -2.34 18.45
N GLU A 27 -4.53 -2.63 17.16
CA GLU A 27 -3.21 -2.77 16.55
C GLU A 27 -2.46 -1.44 16.63
N CYS A 28 -3.19 -0.33 16.54
CA CYS A 28 -2.56 0.99 16.64
C CYS A 28 -1.90 1.18 18.00
N GLU A 29 -2.58 0.75 19.05
CA GLU A 29 -2.09 0.89 20.42
C GLU A 29 -1.08 -0.16 20.87
N ARG A 30 -1.34 -1.42 20.52
CA ARG A 30 -0.46 -2.51 20.95
C ARG A 30 0.75 -2.78 20.05
N TYR A 31 0.78 -2.22 18.84
CA TYR A 31 1.90 -2.52 17.97
C TYR A 31 2.42 -1.38 17.10
N LEU A 32 1.54 -0.86 16.25
CA LEU A 32 1.90 0.21 15.33
C LEU A 32 2.61 1.40 15.96
N ALA A 33 2.05 1.97 17.02
CA ALA A 33 2.70 3.11 17.65
C ALA A 33 4.05 2.72 18.25
N PRO A 34 4.08 1.69 19.10
CA PRO A 34 5.34 1.25 19.73
C PRO A 34 6.45 0.94 18.73
N LYS A 35 6.09 0.44 17.54
CA LYS A 35 7.10 0.09 16.54
C LYS A 35 7.40 1.16 15.51
N GLY A 36 6.84 2.34 15.67
CA GLY A 36 7.13 3.44 14.76
C GLY A 36 6.47 3.47 13.39
N PHE A 37 5.30 2.85 13.22
CA PHE A 37 4.60 2.90 11.95
C PHE A 37 3.87 4.23 11.85
N GLY A 38 3.91 4.86 10.69
CA GLY A 38 3.27 6.15 10.55
C GLY A 38 1.78 6.19 10.25
N GLY A 39 1.27 5.15 9.62
CA GLY A 39 -0.14 5.18 9.29
C GLY A 39 -0.69 3.88 8.76
N VAL A 40 -2.01 3.90 8.56
CA VAL A 40 -2.72 2.74 8.09
C VAL A 40 -3.70 3.06 6.98
N GLN A 41 -3.60 2.32 5.89
CA GLN A 41 -4.53 2.49 4.78
C GLN A 41 -5.58 1.44 5.12
N VAL A 42 -6.84 1.84 5.12
CA VAL A 42 -7.92 0.91 5.44
C VAL A 42 -8.70 0.63 4.17
N SER A 43 -9.53 -0.41 4.19
CA SER A 43 -10.35 -0.72 3.03
C SER A 43 -11.49 0.28 2.94
N PRO A 44 -12.18 0.35 1.79
CA PRO A 44 -13.30 1.28 1.62
C PRO A 44 -14.28 1.19 2.80
N PRO A 45 -14.49 2.30 3.51
CA PRO A 45 -15.40 2.35 4.67
C PRO A 45 -16.86 2.63 4.34
N ASN A 46 -17.17 2.83 3.07
CA ASN A 46 -18.54 3.11 2.66
C ASN A 46 -19.28 1.84 2.26
N GLU A 47 -20.60 1.89 2.41
CA GLU A 47 -21.46 0.78 2.09
C GLU A 47 -21.25 0.22 0.69
N ASN A 48 -21.23 -1.10 0.58
CA ASN A 48 -21.01 -1.74 -0.70
C ASN A 48 -22.06 -2.80 -1.00
N VAL A 49 -22.00 -3.34 -2.20
CA VAL A 49 -22.94 -4.39 -2.59
C VAL A 49 -22.52 -5.69 -1.92
N ALA A 50 -23.50 -6.40 -1.37
CA ALA A 50 -23.22 -7.69 -0.74
C ALA A 50 -23.34 -8.74 -1.85
N ILE A 51 -22.22 -9.34 -2.24
CA ILE A 51 -22.20 -10.35 -3.30
C ILE A 51 -22.07 -11.77 -2.74
N TYR A 52 -23.00 -12.64 -3.09
CA TYR A 52 -23.01 -14.02 -2.59
C TYR A 52 -22.62 -15.07 -3.62
N ASN A 53 -22.29 -14.63 -4.83
CA ASN A 53 -21.87 -15.52 -5.90
C ASN A 53 -20.84 -14.82 -6.79
N PRO A 54 -19.54 -15.03 -6.53
CA PRO A 54 -18.95 -15.86 -5.48
C PRO A 54 -19.27 -15.32 -4.07
N PHE A 55 -19.02 -16.14 -3.06
CA PHE A 55 -19.33 -15.77 -1.67
C PHE A 55 -18.48 -14.65 -1.06
N ARG A 56 -19.07 -13.47 -0.98
CA ARG A 56 -18.43 -12.28 -0.39
C ARG A 56 -16.99 -12.04 -0.82
N PRO A 57 -16.75 -11.87 -2.13
CA PRO A 57 -15.38 -11.63 -2.63
C PRO A 57 -14.76 -10.33 -2.10
N TRP A 58 -13.45 -10.27 -2.08
CA TRP A 58 -12.79 -9.07 -1.61
C TRP A 58 -13.26 -7.89 -2.46
N TRP A 59 -13.40 -8.11 -3.76
CA TRP A 59 -13.77 -7.02 -4.65
C TRP A 59 -15.19 -6.46 -4.56
N GLU A 60 -16.04 -7.00 -3.69
CA GLU A 60 -17.37 -6.43 -3.59
C GLU A 60 -17.25 -5.06 -2.90
N ARG A 61 -16.16 -4.84 -2.16
CA ARG A 61 -15.99 -3.56 -1.47
C ARG A 61 -15.65 -2.39 -2.41
N TYR A 62 -15.44 -2.69 -3.69
CA TYR A 62 -15.14 -1.65 -4.66
C TYR A 62 -16.36 -1.38 -5.53
N GLN A 63 -17.52 -1.75 -5.01
CA GLN A 63 -18.78 -1.51 -5.70
C GLN A 63 -19.71 -0.77 -4.73
N PRO A 64 -19.57 0.56 -4.65
CA PRO A 64 -20.38 1.41 -3.77
C PRO A 64 -21.90 1.42 -3.98
N VAL A 65 -22.62 1.57 -2.87
CA VAL A 65 -24.08 1.63 -2.88
C VAL A 65 -24.51 2.97 -2.28
N SER A 66 -23.71 3.46 -1.34
CA SER A 66 -23.97 4.75 -0.66
C SER A 66 -22.68 5.16 0.04
N TYR A 67 -22.72 6.27 0.76
CA TYR A 67 -21.55 6.73 1.47
C TYR A 67 -21.67 6.58 2.98
N LYS A 68 -22.57 5.70 3.41
CA LYS A 68 -22.80 5.41 4.82
C LYS A 68 -21.61 4.56 5.30
N LEU A 69 -21.03 4.92 6.46
CA LEU A 69 -19.90 4.17 7.00
C LEU A 69 -20.45 2.92 7.66
N CYS A 70 -20.69 1.91 6.85
CA CYS A 70 -21.29 0.69 7.36
C CYS A 70 -20.94 -0.42 6.39
N THR A 71 -19.98 -1.24 6.82
CA THR A 71 -19.45 -2.34 6.02
C THR A 71 -19.13 -3.53 6.93
N ARG A 72 -18.52 -4.57 6.36
CA ARG A 72 -18.14 -5.74 7.14
C ARG A 72 -17.00 -5.41 8.11
N SER A 73 -16.38 -4.25 7.94
CA SER A 73 -15.30 -3.84 8.83
C SER A 73 -15.89 -3.23 10.10
N GLY A 74 -17.10 -2.70 9.98
CA GLY A 74 -17.76 -2.10 11.13
C GLY A 74 -18.70 -0.96 10.77
N ASN A 75 -19.34 -0.39 11.80
CA ASN A 75 -20.27 0.73 11.61
C ASN A 75 -19.56 2.06 11.80
N GLU A 76 -20.31 3.15 11.71
CA GLU A 76 -19.70 4.48 11.84
C GLU A 76 -19.09 4.74 13.21
N ASP A 77 -19.76 4.28 14.26
CA ASP A 77 -19.25 4.49 15.60
C ASP A 77 -17.93 3.75 15.78
N GLU A 78 -17.82 2.54 15.24
CA GLU A 78 -16.59 1.78 15.36
C GLU A 78 -15.47 2.43 14.53
N PHE A 79 -15.83 3.03 13.40
CA PHE A 79 -14.87 3.69 12.53
C PHE A 79 -14.30 4.93 13.24
N ARG A 80 -15.17 5.73 13.84
CA ARG A 80 -14.73 6.94 14.55
C ARG A 80 -13.83 6.60 15.72
N ASN A 81 -14.20 5.54 16.43
CA ASN A 81 -13.44 5.09 17.59
C ASN A 81 -12.02 4.68 17.18
N MET A 82 -11.92 4.10 15.99
CA MET A 82 -10.64 3.66 15.46
C MET A 82 -9.74 4.85 15.10
N VAL A 83 -10.30 5.81 14.38
CA VAL A 83 -9.55 7.00 13.98
C VAL A 83 -9.06 7.75 15.21
N THR A 84 -9.95 7.91 16.19
CA THR A 84 -9.61 8.62 17.43
C THR A 84 -8.46 7.96 18.20
N ARG A 85 -8.58 6.67 18.50
CA ARG A 85 -7.52 5.96 19.24
C ARG A 85 -6.19 5.94 18.49
N CYS A 86 -6.24 5.67 17.20
CA CYS A 86 -5.02 5.64 16.40
C CYS A 86 -4.37 7.02 16.41
N ASN A 87 -5.15 8.07 16.14
CA ASN A 87 -4.61 9.41 16.15
C ASN A 87 -4.04 9.78 17.52
N ASN A 88 -4.68 9.30 18.59
CA ASN A 88 -4.20 9.61 19.94
C ASN A 88 -2.85 8.97 20.23
N VAL A 89 -2.44 8.01 19.40
CA VAL A 89 -1.17 7.34 19.63
C VAL A 89 -0.16 7.66 18.53
N GLY A 90 -0.49 8.65 17.69
CA GLY A 90 0.41 9.07 16.62
C GLY A 90 0.36 8.27 15.31
N VAL A 91 -0.65 7.42 15.15
CA VAL A 91 -0.78 6.61 13.94
C VAL A 91 -1.95 7.12 13.09
N ARG A 92 -1.63 7.57 11.87
CA ARG A 92 -2.63 8.13 10.95
C ARG A 92 -3.45 7.11 10.18
N ILE A 93 -4.64 7.54 9.75
CA ILE A 93 -5.55 6.70 9.00
C ILE A 93 -5.75 7.28 7.61
N TYR A 94 -5.61 6.42 6.60
CA TYR A 94 -5.78 6.84 5.21
C TYR A 94 -6.91 6.01 4.60
N VAL A 95 -7.89 6.69 4.05
CA VAL A 95 -9.04 6.03 3.47
C VAL A 95 -8.99 5.76 1.97
N ASP A 96 -9.38 4.54 1.61
CA ASP A 96 -9.42 4.11 0.23
C ASP A 96 -10.73 4.67 -0.30
N ALA A 97 -10.67 5.78 -1.04
CA ALA A 97 -11.86 6.42 -1.59
C ALA A 97 -12.24 5.94 -2.99
N VAL A 98 -13.40 5.29 -3.08
CA VAL A 98 -13.91 4.77 -4.36
C VAL A 98 -14.90 5.83 -4.82
N ILE A 99 -14.42 6.74 -5.66
CA ILE A 99 -15.24 7.85 -6.12
C ILE A 99 -15.45 7.95 -7.63
N ASN A 100 -14.83 7.04 -8.37
CA ASN A 100 -14.98 7.07 -9.83
C ASN A 100 -16.30 6.43 -10.25
N HIS A 101 -16.82 5.53 -9.43
CA HIS A 101 -18.03 4.81 -9.82
C HIS A 101 -18.86 4.28 -8.66
N MET A 102 -19.97 3.64 -9.00
CA MET A 102 -20.84 3.00 -8.02
C MET A 102 -20.70 1.50 -8.30
N CYS A 103 -21.77 0.71 -8.17
CA CYS A 103 -21.66 -0.73 -8.40
C CYS A 103 -21.85 -1.18 -9.85
N GLY A 104 -21.70 -2.49 -10.10
CA GLY A 104 -21.86 -3.02 -11.45
C GLY A 104 -23.21 -2.71 -12.06
N ASN A 105 -23.23 -2.38 -13.36
CA ASN A 105 -24.49 -2.06 -14.01
C ASN A 105 -25.45 -3.25 -14.09
N ALA A 106 -24.90 -4.46 -14.01
CA ALA A 106 -25.71 -5.67 -14.10
C ALA A 106 -26.19 -6.23 -12.76
N VAL A 107 -25.74 -5.62 -11.66
CA VAL A 107 -26.12 -6.07 -10.32
C VAL A 107 -27.63 -5.94 -10.08
N SER A 108 -28.23 -6.97 -9.48
CA SER A 108 -29.66 -6.96 -9.21
C SER A 108 -30.09 -5.90 -8.21
N ALA A 109 -31.20 -5.24 -8.51
CA ALA A 109 -31.74 -4.20 -7.63
C ALA A 109 -32.31 -4.86 -6.38
N GLY A 110 -32.29 -4.13 -5.28
CA GLY A 110 -32.80 -4.68 -4.02
C GLY A 110 -32.06 -4.08 -2.85
N THR A 111 -31.96 -4.83 -1.76
CA THR A 111 -31.28 -4.34 -0.58
C THR A 111 -30.12 -5.24 -0.19
N SER A 112 -29.51 -5.86 -1.18
CA SER A 112 -28.37 -6.75 -0.95
C SER A 112 -27.13 -5.87 -0.79
N SER A 113 -27.11 -5.08 0.27
CA SER A 113 -26.02 -4.17 0.56
C SER A 113 -25.56 -4.35 2.01
N THR A 114 -24.34 -3.91 2.32
CA THR A 114 -23.80 -4.08 3.67
C THR A 114 -24.55 -3.36 4.78
N CYS A 115 -25.49 -2.48 4.44
CA CYS A 115 -26.26 -1.76 5.44
C CYS A 115 -27.76 -1.76 5.15
N GLY A 116 -28.18 -2.56 4.17
CA GLY A 116 -29.59 -2.62 3.83
C GLY A 116 -30.13 -1.50 2.96
N SER A 117 -29.26 -0.62 2.49
CA SER A 117 -29.71 0.47 1.65
C SER A 117 -30.24 -0.07 0.32
N TYR A 118 -31.31 0.52 -0.19
CA TYR A 118 -31.89 0.09 -1.45
C TYR A 118 -31.13 0.74 -2.60
N PHE A 119 -31.01 0.03 -3.71
CA PHE A 119 -30.35 0.57 -4.90
C PHE A 119 -30.83 -0.18 -6.14
N ASN A 120 -30.84 0.51 -7.28
CA ASN A 120 -31.29 -0.11 -8.52
C ASN A 120 -30.36 0.31 -9.67
N PRO A 121 -29.35 -0.53 -9.97
CA PRO A 121 -28.39 -0.24 -11.04
C PRO A 121 -29.05 0.00 -12.39
N GLY A 122 -29.99 -0.89 -12.75
CA GLY A 122 -30.69 -0.78 -14.01
C GLY A 122 -31.26 0.60 -14.28
N SER A 123 -31.85 1.22 -13.26
CA SER A 123 -32.44 2.54 -13.42
C SER A 123 -31.53 3.64 -12.88
N ARG A 124 -30.28 3.32 -12.60
CA ARG A 124 -29.32 4.30 -12.08
C ARG A 124 -29.83 4.99 -10.83
N ASP A 125 -30.62 4.28 -10.02
CA ASP A 125 -31.19 4.83 -8.80
C ASP A 125 -30.46 4.43 -7.52
N PHE A 126 -29.86 5.42 -6.86
CA PHE A 126 -29.14 5.21 -5.62
C PHE A 126 -29.66 6.27 -4.65
N PRO A 127 -30.88 6.08 -4.13
CA PRO A 127 -31.54 6.98 -3.19
C PRO A 127 -30.82 7.29 -1.88
N ALA A 128 -29.94 6.40 -1.44
CA ALA A 128 -29.23 6.64 -0.18
C ALA A 128 -28.19 7.76 -0.29
N VAL A 129 -27.82 8.14 -1.51
CA VAL A 129 -26.82 9.19 -1.68
C VAL A 129 -27.36 10.62 -1.62
N PRO A 130 -28.26 11.00 -2.54
CA PRO A 130 -28.84 10.22 -3.62
C PRO A 130 -28.22 10.52 -5.00
N TYR A 131 -28.30 9.55 -5.89
CA TYR A 131 -27.81 9.66 -7.27
C TYR A 131 -28.93 9.17 -8.19
N SER A 132 -28.98 9.69 -9.41
CA SER A 132 -29.99 9.26 -10.38
C SER A 132 -29.31 9.07 -11.72
N GLY A 133 -30.10 8.76 -12.75
CA GLY A 133 -29.54 8.56 -14.07
C GLY A 133 -28.80 9.76 -14.61
N TRP A 134 -29.20 10.94 -14.14
CA TRP A 134 -28.59 12.21 -14.56
C TRP A 134 -27.16 12.37 -14.03
N ASP A 135 -26.76 11.51 -13.10
CA ASP A 135 -25.44 11.62 -12.50
C ASP A 135 -24.38 10.65 -13.01
N PHE A 136 -24.65 10.00 -14.14
CA PHE A 136 -23.72 9.05 -14.73
C PHE A 136 -23.32 9.41 -16.15
N ASN A 137 -22.25 8.78 -16.64
CA ASN A 137 -21.75 9.06 -17.98
C ASN A 137 -22.30 8.20 -19.10
N ASP A 138 -23.47 7.60 -18.86
CA ASP A 138 -24.08 6.76 -19.88
C ASP A 138 -24.20 7.48 -21.23
N GLY A 139 -24.63 8.74 -21.19
CA GLY A 139 -24.78 9.50 -22.42
C GLY A 139 -23.48 10.09 -22.91
N LYS A 140 -22.45 10.06 -22.08
CA LYS A 140 -21.17 10.63 -22.48
C LYS A 140 -20.24 9.59 -23.13
N CYS A 141 -20.28 8.36 -22.63
CA CYS A 141 -19.43 7.29 -23.18
C CYS A 141 -19.80 6.99 -24.63
N LYS A 142 -18.78 6.89 -25.49
CA LYS A 142 -18.99 6.65 -26.92
C LYS A 142 -18.73 5.23 -27.45
N THR A 143 -18.39 4.28 -26.59
CA THR A 143 -18.14 2.91 -27.03
C THR A 143 -19.47 2.19 -27.28
N GLY A 144 -19.43 1.14 -28.07
CA GLY A 144 -20.62 0.38 -28.37
C GLY A 144 -21.15 -0.45 -27.22
N SER A 145 -20.25 -0.92 -26.36
CA SER A 145 -20.66 -1.72 -25.22
C SER A 145 -20.98 -0.87 -24.00
N GLY A 146 -20.51 0.37 -24.01
CA GLY A 146 -20.76 1.23 -22.88
C GLY A 146 -19.66 1.06 -21.86
N ASP A 147 -18.77 0.09 -22.07
CA ASP A 147 -17.66 -0.13 -21.17
C ASP A 147 -16.35 0.23 -21.86
N ILE A 148 -15.27 0.28 -21.07
CA ILE A 148 -13.95 0.59 -21.60
C ILE A 148 -13.53 -0.59 -22.45
N GLU A 149 -13.19 -0.31 -23.70
CA GLU A 149 -12.81 -1.35 -24.65
C GLU A 149 -11.38 -1.26 -25.13
N ASN A 150 -10.81 -0.07 -25.06
CA ASN A 150 -9.45 0.15 -25.55
C ASN A 150 -8.73 1.24 -24.76
N TYR A 151 -7.69 0.86 -24.04
CA TYR A 151 -6.92 1.82 -23.24
C TYR A 151 -6.09 2.80 -24.05
N ASN A 152 -6.09 2.63 -25.37
CA ASN A 152 -5.33 3.52 -26.25
C ASN A 152 -6.14 4.79 -26.56
N ASP A 153 -7.38 4.79 -26.09
CA ASP A 153 -8.26 5.93 -26.28
C ASP A 153 -8.50 6.55 -24.90
N ALA A 154 -7.74 7.60 -24.59
CA ALA A 154 -7.81 8.30 -23.31
C ALA A 154 -9.21 8.77 -22.91
N THR A 155 -10.06 9.06 -23.87
CA THR A 155 -11.41 9.55 -23.58
C THR A 155 -12.35 8.48 -23.00
N GLN A 156 -12.41 7.31 -23.62
CA GLN A 156 -13.29 6.26 -23.10
C GLN A 156 -12.78 5.69 -21.77
N VAL A 157 -11.47 5.78 -21.55
CA VAL A 157 -10.90 5.28 -20.31
C VAL A 157 -11.50 6.06 -19.13
N ARG A 158 -11.81 7.32 -19.37
CA ARG A 158 -12.37 8.19 -18.34
C ARG A 158 -13.90 8.29 -18.33
N ASP A 159 -14.49 8.31 -19.53
CA ASP A 159 -15.94 8.45 -19.66
C ASP A 159 -16.76 7.18 -19.70
N CYS A 160 -16.11 6.04 -19.89
CA CYS A 160 -16.84 4.79 -19.96
C CYS A 160 -16.67 3.93 -18.71
N ARG A 161 -17.46 2.87 -18.64
CA ARG A 161 -17.47 1.97 -17.49
C ARG A 161 -16.33 0.96 -17.36
N LEU A 162 -15.62 1.03 -16.24
CA LEU A 162 -14.53 0.10 -15.97
C LEU A 162 -15.18 -1.24 -15.61
N THR A 163 -15.04 -2.21 -16.49
CA THR A 163 -15.61 -3.53 -16.29
C THR A 163 -17.06 -3.51 -15.83
N GLY A 164 -17.86 -2.61 -16.41
CA GLY A 164 -19.28 -2.54 -16.06
C GLY A 164 -19.69 -1.62 -14.92
N LEU A 165 -18.72 -1.11 -14.17
CA LEU A 165 -19.01 -0.22 -13.04
C LEU A 165 -19.59 1.12 -13.49
N LEU A 166 -20.81 1.43 -13.04
CA LEU A 166 -21.48 2.69 -13.40
C LEU A 166 -20.53 3.86 -13.16
N ASP A 167 -20.26 4.62 -14.21
CA ASP A 167 -19.33 5.74 -14.14
C ASP A 167 -19.98 7.09 -13.81
N LEU A 168 -19.59 7.66 -12.67
CA LEU A 168 -20.12 8.94 -12.24
C LEU A 168 -19.69 10.10 -13.12
N ALA A 169 -20.60 11.04 -13.34
CA ALA A 169 -20.32 12.22 -14.16
C ALA A 169 -19.64 13.22 -13.23
N LEU A 170 -18.33 13.07 -13.08
CA LEU A 170 -17.55 13.92 -12.19
C LEU A 170 -17.38 15.36 -12.65
N GLU A 171 -17.95 15.70 -13.80
CA GLU A 171 -17.86 17.07 -14.26
C GLU A 171 -18.97 17.91 -13.61
N LYS A 172 -20.01 17.24 -13.12
CA LYS A 172 -21.14 17.93 -12.49
C LYS A 172 -20.87 18.40 -11.06
N ASP A 173 -21.12 19.67 -10.78
CA ASP A 173 -20.89 20.19 -9.44
C ASP A 173 -21.66 19.37 -8.41
N TYR A 174 -22.87 18.94 -8.75
CA TYR A 174 -23.65 18.14 -7.81
C TYR A 174 -22.92 16.87 -7.38
N VAL A 175 -22.36 16.14 -8.33
CA VAL A 175 -21.64 14.91 -8.01
C VAL A 175 -20.35 15.23 -7.24
N ARG A 176 -19.64 16.27 -7.67
CA ARG A 176 -18.41 16.69 -7.01
C ARG A 176 -18.68 17.01 -5.54
N SER A 177 -19.86 17.57 -5.29
CA SER A 177 -20.27 17.96 -3.94
C SER A 177 -20.66 16.78 -3.05
N LYS A 178 -21.29 15.76 -3.61
CA LYS A 178 -21.67 14.60 -2.79
C LYS A 178 -20.42 13.83 -2.40
N ILE A 179 -19.43 13.81 -3.28
CA ILE A 179 -18.17 13.13 -3.00
C ILE A 179 -17.40 13.92 -1.95
N ALA A 180 -17.40 15.25 -2.10
CA ALA A 180 -16.70 16.11 -1.14
C ALA A 180 -17.40 16.01 0.21
N GLU A 181 -18.73 15.91 0.20
CA GLU A 181 -19.51 15.79 1.43
C GLU A 181 -18.98 14.56 2.17
N TYR A 182 -18.93 13.44 1.47
CA TYR A 182 -18.44 12.18 2.02
C TYR A 182 -17.00 12.31 2.52
N MET A 183 -16.11 12.85 1.68
CA MET A 183 -14.71 12.98 2.08
C MET A 183 -14.51 13.96 3.24
N ASN A 184 -15.29 15.04 3.28
CA ASN A 184 -15.16 16.01 4.36
C ASN A 184 -15.64 15.46 5.70
N HIS A 185 -16.62 14.57 5.64
CA HIS A 185 -17.14 13.93 6.83
C HIS A 185 -15.99 13.09 7.44
N LEU A 186 -15.24 12.40 6.57
CA LEU A 186 -14.10 11.58 7.02
C LEU A 186 -12.96 12.45 7.57
N ILE A 187 -12.65 13.53 6.86
CA ILE A 187 -11.61 14.44 7.31
C ILE A 187 -11.94 15.01 8.69
N ASP A 188 -13.17 15.47 8.87
CA ASP A 188 -13.58 16.03 10.15
C ASP A 188 -13.52 15.01 11.27
N ILE A 189 -13.65 13.73 10.91
CA ILE A 189 -13.59 12.65 11.86
C ILE A 189 -12.14 12.46 12.32
N GLY A 190 -11.19 12.79 11.44
CA GLY A 190 -9.80 12.66 11.79
C GLY A 190 -8.87 11.98 10.79
N VAL A 191 -9.38 11.62 9.61
CA VAL A 191 -8.53 10.96 8.60
C VAL A 191 -7.46 11.92 8.09
N ALA A 192 -6.26 11.39 7.84
CA ALA A 192 -5.15 12.20 7.37
C ALA A 192 -4.98 12.29 5.86
N GLY A 193 -5.69 11.45 5.11
CA GLY A 193 -5.55 11.49 3.67
C GLY A 193 -6.35 10.41 2.99
N PHE A 194 -6.20 10.31 1.68
CA PHE A 194 -6.94 9.33 0.90
C PHE A 194 -6.16 8.70 -0.25
N ARG A 195 -6.53 7.48 -0.59
CA ARG A 195 -5.97 6.78 -1.74
C ARG A 195 -7.09 6.99 -2.75
N LEU A 196 -6.82 7.68 -3.85
CA LEU A 196 -7.88 7.87 -4.83
C LEU A 196 -7.86 6.67 -5.77
N ASP A 197 -8.89 5.85 -5.61
CA ASP A 197 -9.05 4.62 -6.39
C ASP A 197 -9.41 4.89 -7.84
N ALA A 198 -8.87 4.07 -8.73
CA ALA A 198 -9.16 4.20 -10.16
C ALA A 198 -8.96 5.62 -10.66
N SER A 199 -7.92 6.30 -10.21
CA SER A 199 -7.68 7.69 -10.65
C SER A 199 -7.46 7.85 -12.15
N LYS A 200 -6.89 6.83 -12.79
CA LYS A 200 -6.67 6.88 -14.23
C LYS A 200 -8.00 7.03 -14.97
N HIS A 201 -9.07 6.58 -14.32
CA HIS A 201 -10.41 6.64 -14.93
C HIS A 201 -11.18 7.91 -14.66
N MET A 202 -10.48 8.91 -14.16
CA MET A 202 -11.07 10.21 -13.87
C MET A 202 -10.14 11.25 -14.46
N TRP A 203 -10.71 12.33 -15.00
CA TRP A 203 -9.90 13.39 -15.58
C TRP A 203 -9.18 14.12 -14.46
N PRO A 204 -7.92 14.51 -14.69
CA PRO A 204 -7.14 15.22 -13.66
C PRO A 204 -7.88 16.46 -13.15
N GLY A 205 -8.47 17.20 -14.09
CA GLY A 205 -9.20 18.41 -13.75
C GLY A 205 -10.43 18.16 -12.89
N ASP A 206 -11.09 17.02 -13.07
CA ASP A 206 -12.26 16.73 -12.26
C ASP A 206 -11.81 16.41 -10.85
N ILE A 207 -10.72 15.64 -10.72
CA ILE A 207 -10.18 15.31 -9.41
C ILE A 207 -9.83 16.60 -8.66
N LYS A 208 -9.17 17.52 -9.37
CA LYS A 208 -8.78 18.79 -8.77
C LYS A 208 -9.97 19.59 -8.25
N ALA A 209 -11.07 19.61 -9.00
CA ALA A 209 -12.26 20.35 -8.58
C ALA A 209 -12.80 19.80 -7.27
N ILE A 210 -12.72 18.49 -7.11
CA ILE A 210 -13.18 17.84 -5.90
C ILE A 210 -12.25 18.16 -4.74
N LEU A 211 -10.95 18.04 -4.98
CA LEU A 211 -9.98 18.32 -3.93
C LEU A 211 -10.07 19.77 -3.44
N ASP A 212 -10.47 20.69 -4.32
CA ASP A 212 -10.60 22.10 -3.94
C ASP A 212 -11.72 22.33 -2.94
N LYS A 213 -12.61 21.34 -2.80
CA LYS A 213 -13.73 21.50 -1.87
C LYS A 213 -13.44 20.84 -0.52
N LEU A 214 -12.28 20.22 -0.39
CA LEU A 214 -11.90 19.55 0.85
C LEU A 214 -11.42 20.46 1.98
N HIS A 215 -11.78 20.11 3.21
CA HIS A 215 -11.38 20.87 4.40
C HIS A 215 -9.93 20.57 4.72
N ASN A 216 -9.38 21.36 5.64
CA ASN A 216 -8.01 21.10 6.14
C ASN A 216 -8.16 20.14 7.27
N LEU A 217 -7.15 19.37 7.63
CA LEU A 217 -7.28 18.29 8.62
C LEU A 217 -7.85 18.80 9.95
N ASN A 218 -8.34 17.86 10.77
CA ASN A 218 -8.94 18.22 12.05
C ASN A 218 -7.93 18.92 12.97
N SER A 219 -8.23 20.17 13.31
CA SER A 219 -7.35 20.98 14.13
C SER A 219 -7.11 20.50 15.56
N ASN A 220 -7.80 19.43 15.96
CA ASN A 220 -7.61 18.88 17.30
C ASN A 220 -6.39 17.96 17.32
N TRP A 221 -5.99 17.49 16.15
CA TRP A 221 -4.84 16.60 16.04
C TRP A 221 -3.71 17.14 15.18
N PHE A 222 -4.04 17.94 14.16
CA PHE A 222 -3.02 18.45 13.26
C PHE A 222 -2.92 19.97 13.28
N PRO A 223 -1.76 20.53 12.86
CA PRO A 223 -1.58 21.97 12.84
C PRO A 223 -2.47 22.65 11.81
N ALA A 224 -2.78 23.92 12.03
CA ALA A 224 -3.62 24.66 11.11
C ALA A 224 -3.02 24.72 9.72
N GLY A 225 -3.87 24.56 8.70
CA GLY A 225 -3.41 24.61 7.34
C GLY A 225 -2.91 23.29 6.79
N SER A 226 -3.11 22.21 7.54
CA SER A 226 -2.67 20.89 7.09
C SER A 226 -3.63 20.38 6.02
N LYS A 227 -3.08 19.98 4.87
CA LYS A 227 -3.90 19.45 3.79
C LYS A 227 -3.84 17.93 3.80
N PRO A 228 -4.95 17.26 3.43
CA PRO A 228 -4.93 15.80 3.43
C PRO A 228 -3.94 15.26 2.41
N PHE A 229 -3.28 14.17 2.78
CA PHE A 229 -2.31 13.49 1.93
C PHE A 229 -3.09 12.78 0.82
N ILE A 230 -2.71 13.00 -0.42
CA ILE A 230 -3.42 12.37 -1.52
C ILE A 230 -2.51 11.54 -2.42
N TYR A 231 -2.83 10.27 -2.61
CA TYR A 231 -2.04 9.46 -3.53
C TYR A 231 -3.02 8.77 -4.45
N GLN A 232 -2.83 9.01 -5.73
CA GLN A 232 -3.73 8.51 -6.76
C GLN A 232 -3.30 7.18 -7.38
N GLU A 233 -4.22 6.25 -7.51
CA GLU A 233 -3.89 4.96 -8.12
C GLU A 233 -3.96 5.14 -9.63
N VAL A 234 -2.79 5.17 -10.25
CA VAL A 234 -2.68 5.28 -11.70
C VAL A 234 -1.64 4.23 -12.07
N ILE A 235 -2.06 3.23 -12.83
CA ILE A 235 -1.16 2.18 -13.28
C ILE A 235 -0.59 2.64 -14.60
N ASP A 236 0.68 3.05 -14.57
CA ASP A 236 1.36 3.53 -15.77
C ASP A 236 2.67 2.78 -15.92
N LEU A 237 2.65 1.79 -16.81
CA LEU A 237 3.84 0.98 -17.08
C LEU A 237 4.40 1.40 -18.44
N GLY A 238 3.81 2.45 -19.00
CA GLY A 238 4.23 2.95 -20.29
C GLY A 238 3.41 2.28 -21.39
N GLY A 239 3.45 2.83 -22.60
CA GLY A 239 2.70 2.23 -23.69
C GLY A 239 1.31 2.78 -23.89
N GLU A 240 0.81 3.52 -22.90
CA GLU A 240 -0.51 4.12 -22.98
C GLU A 240 -0.43 5.62 -23.12
N PRO A 241 -1.50 6.24 -23.65
CA PRO A 241 -1.55 7.69 -23.83
C PRO A 241 -1.67 8.48 -22.52
N ILE A 242 -2.19 7.83 -21.49
CA ILE A 242 -2.34 8.47 -20.18
C ILE A 242 -1.05 8.27 -19.38
N LYS A 243 -0.53 9.36 -18.83
CA LYS A 243 0.71 9.29 -18.05
C LYS A 243 0.43 9.68 -16.61
N SER A 244 1.14 9.07 -15.67
CA SER A 244 0.95 9.39 -14.26
C SER A 244 1.36 10.83 -13.98
N SER A 245 2.24 11.39 -14.81
CA SER A 245 2.69 12.77 -14.61
C SER A 245 1.55 13.77 -14.80
N ASP A 246 0.50 13.35 -15.50
CA ASP A 246 -0.65 14.22 -15.73
C ASP A 246 -1.42 14.48 -14.45
N TYR A 247 -1.11 13.70 -13.42
CA TYR A 247 -1.79 13.82 -12.13
C TYR A 247 -0.95 14.45 -11.01
N PHE A 248 0.24 14.93 -11.34
CA PHE A 248 1.12 15.52 -10.33
C PHE A 248 0.53 16.75 -9.64
N GLY A 249 -0.32 17.49 -10.35
CA GLY A 249 -0.92 18.68 -9.77
C GLY A 249 -1.96 18.41 -8.69
N ASN A 250 -2.34 17.15 -8.52
CA ASN A 250 -3.34 16.78 -7.51
C ASN A 250 -2.76 16.13 -6.26
N GLY A 251 -1.62 15.48 -6.43
CA GLY A 251 -0.99 14.82 -5.30
C GLY A 251 -0.01 13.77 -5.78
N ARG A 252 0.32 12.81 -4.92
CA ARG A 252 1.25 11.75 -5.30
C ARG A 252 0.57 10.71 -6.17
N VAL A 253 1.38 9.83 -6.75
CA VAL A 253 0.90 8.75 -7.59
C VAL A 253 1.58 7.46 -7.17
N THR A 254 0.86 6.36 -7.38
CA THR A 254 1.34 5.03 -7.08
C THR A 254 2.34 4.72 -8.21
N GLU A 255 3.52 4.22 -7.88
CA GLU A 255 4.50 3.88 -8.92
C GLU A 255 4.54 2.36 -9.05
N PHE A 256 3.72 1.83 -9.96
CA PHE A 256 3.66 0.39 -10.17
C PHE A 256 4.87 -0.21 -10.88
N LYS A 257 5.67 0.63 -11.55
CA LYS A 257 6.85 0.12 -12.23
C LYS A 257 7.81 -0.38 -11.15
N TYR A 258 7.75 0.26 -9.98
CA TYR A 258 8.59 -0.08 -8.85
C TYR A 258 8.58 -1.57 -8.45
N GLY A 259 7.41 -2.07 -8.05
CA GLY A 259 7.30 -3.46 -7.67
C GLY A 259 7.51 -4.45 -8.80
N ALA A 260 7.14 -4.03 -10.00
CA ALA A 260 7.27 -4.89 -11.18
C ALA A 260 8.74 -5.15 -11.52
N LYS A 261 9.54 -4.09 -11.51
CA LYS A 261 10.97 -4.19 -11.82
C LYS A 261 11.77 -4.82 -10.70
N LEU A 262 11.40 -4.52 -9.47
CA LEU A 262 12.10 -5.09 -8.33
C LEU A 262 11.88 -6.60 -8.36
N GLY A 263 10.67 -6.98 -8.78
CA GLY A 263 10.33 -8.39 -8.89
C GLY A 263 11.16 -9.14 -9.92
N THR A 264 11.37 -8.55 -11.09
CA THR A 264 12.17 -9.21 -12.12
C THR A 264 13.64 -9.24 -11.74
N VAL A 265 14.13 -8.17 -11.13
CA VAL A 265 15.53 -8.10 -10.72
C VAL A 265 15.86 -9.13 -9.65
N ILE A 266 15.04 -9.19 -8.62
CA ILE A 266 15.26 -10.15 -7.53
C ILE A 266 15.05 -11.60 -7.94
N ARG A 267 14.17 -11.82 -8.92
CA ARG A 267 13.92 -13.16 -9.42
C ARG A 267 15.00 -13.49 -10.46
N LYS A 268 15.75 -12.46 -10.85
CA LYS A 268 16.82 -12.63 -11.82
C LYS A 268 16.30 -13.06 -13.19
N TRP A 269 15.11 -12.57 -13.53
CA TRP A 269 14.49 -12.86 -14.81
C TRP A 269 15.15 -12.11 -15.96
N ASN A 270 15.23 -12.77 -17.12
CA ASN A 270 15.82 -12.24 -18.34
C ASN A 270 17.11 -11.44 -18.20
N GLY A 271 18.09 -12.04 -17.53
CA GLY A 271 19.38 -11.40 -17.36
C GLY A 271 19.52 -10.23 -16.40
N GLU A 272 18.47 -9.89 -15.66
CA GLU A 272 18.61 -8.77 -14.72
C GLU A 272 19.33 -9.21 -13.45
N LYS A 273 19.96 -8.26 -12.78
CA LYS A 273 20.71 -8.54 -11.55
C LYS A 273 20.71 -7.36 -10.58
N MET A 274 20.86 -7.65 -9.30
CA MET A 274 20.86 -6.60 -8.28
C MET A 274 21.91 -5.51 -8.49
N SER A 275 22.99 -5.82 -9.21
CA SER A 275 24.03 -4.82 -9.46
C SER A 275 23.50 -3.64 -10.27
N TYR A 276 22.41 -3.86 -11.00
CA TYR A 276 21.83 -2.79 -11.81
C TYR A 276 21.03 -1.81 -10.96
N LEU A 277 20.85 -2.12 -9.67
CA LEU A 277 20.08 -1.25 -8.79
C LEU A 277 20.86 -0.04 -8.30
N LYS A 278 22.07 0.14 -8.83
CA LYS A 278 22.93 1.26 -8.46
C LYS A 278 22.26 2.61 -8.68
N ASN A 279 21.51 2.72 -9.77
CA ASN A 279 20.82 3.96 -10.11
C ASN A 279 19.30 3.84 -9.98
N TRP A 280 18.88 2.99 -9.05
CA TRP A 280 17.46 2.75 -8.79
C TRP A 280 16.70 4.05 -8.50
N GLY A 281 15.51 4.16 -9.06
CA GLY A 281 14.71 5.35 -8.84
C GLY A 281 14.48 6.07 -10.16
N GLU A 282 14.59 7.40 -10.13
CA GLU A 282 14.38 8.15 -11.36
C GLU A 282 15.24 7.62 -12.50
N GLY A 283 16.41 7.08 -12.15
CA GLY A 283 17.30 6.54 -13.17
C GLY A 283 16.65 5.42 -13.98
N TRP A 284 15.61 4.80 -13.44
CA TRP A 284 14.92 3.72 -14.14
C TRP A 284 13.66 4.20 -14.83
N GLY A 285 13.52 5.52 -14.96
CA GLY A 285 12.35 6.08 -15.61
C GLY A 285 11.13 6.22 -14.72
N PHE A 286 11.33 6.17 -13.40
CA PHE A 286 10.23 6.29 -12.46
C PHE A 286 9.87 7.76 -12.24
N VAL A 287 8.67 8.01 -11.73
CA VAL A 287 8.23 9.38 -11.45
C VAL A 287 9.09 9.96 -10.33
N PRO A 288 9.13 11.30 -10.20
CA PRO A 288 9.91 11.98 -9.16
C PRO A 288 9.65 11.37 -7.79
N SER A 289 10.71 11.16 -7.02
CA SER A 289 10.61 10.59 -5.69
C SER A 289 9.59 11.29 -4.79
N ASP A 290 9.51 12.62 -4.88
CA ASP A 290 8.56 13.38 -4.06
C ASP A 290 7.11 13.28 -4.53
N ARG A 291 6.88 12.49 -5.58
CA ARG A 291 5.51 12.31 -6.07
C ARG A 291 5.16 10.83 -6.05
N ALA A 292 6.07 10.01 -5.54
CA ALA A 292 5.86 8.56 -5.52
C ALA A 292 5.44 7.91 -4.22
N LEU A 293 4.55 6.93 -4.37
CA LEU A 293 4.08 6.11 -3.27
C LEU A 293 4.54 4.75 -3.80
N VAL A 294 5.45 4.10 -3.09
CA VAL A 294 5.96 2.82 -3.54
C VAL A 294 5.58 1.65 -2.66
N PHE A 295 5.67 0.46 -3.25
CA PHE A 295 5.31 -0.78 -2.57
C PHE A 295 5.81 -1.95 -3.42
N VAL A 296 5.93 -3.12 -2.82
CA VAL A 296 6.38 -4.29 -3.55
C VAL A 296 5.18 -4.91 -4.26
N ASP A 297 4.10 -5.12 -3.51
CA ASP A 297 2.86 -5.66 -4.04
C ASP A 297 1.72 -4.88 -3.42
N ASN A 298 0.53 -4.98 -4.02
CA ASN A 298 -0.67 -4.33 -3.46
C ASN A 298 -1.79 -5.37 -3.49
N HIS A 299 -2.93 -5.05 -2.88
CA HIS A 299 -4.02 -6.03 -2.82
C HIS A 299 -4.44 -6.59 -4.19
N ASP A 300 -4.21 -5.82 -5.25
CA ASP A 300 -4.57 -6.24 -6.60
C ASP A 300 -3.59 -7.23 -7.22
N ASN A 301 -2.35 -6.80 -7.42
CA ASN A 301 -1.38 -7.66 -8.08
C ASN A 301 -0.81 -8.82 -7.27
N GLN A 302 -1.07 -8.86 -5.96
CA GLN A 302 -0.54 -9.98 -5.17
C GLN A 302 -1.37 -11.22 -5.50
N ARG A 303 -2.54 -11.01 -6.07
CA ARG A 303 -3.41 -12.11 -6.46
C ARG A 303 -3.61 -12.10 -7.98
N GLY A 304 -2.67 -11.46 -8.67
CA GLY A 304 -2.70 -11.36 -10.12
C GLY A 304 -3.89 -10.61 -10.69
N HIS A 305 -4.43 -9.65 -9.96
CA HIS A 305 -5.58 -8.90 -10.44
C HIS A 305 -5.22 -7.48 -10.91
N GLY A 306 -3.98 -7.06 -10.68
CA GLY A 306 -3.61 -5.73 -11.10
C GLY A 306 -2.69 -5.70 -12.30
N ALA A 307 -1.56 -5.03 -12.16
CA ALA A 307 -0.59 -4.96 -13.23
C ALA A 307 0.76 -5.29 -12.63
N GLY A 308 1.61 -5.95 -13.41
CA GLY A 308 2.92 -6.34 -12.94
C GLY A 308 3.30 -7.72 -13.41
N GLY A 309 2.29 -8.53 -13.72
CA GLY A 309 2.55 -9.88 -14.19
C GLY A 309 2.89 -10.86 -13.10
N ALA A 310 3.60 -11.92 -13.49
CA ALA A 310 4.00 -12.96 -12.55
C ALA A 310 5.27 -12.60 -11.79
N SER A 311 5.89 -11.48 -12.13
CA SER A 311 7.12 -11.07 -11.45
C SER A 311 6.86 -10.53 -10.05
N ILE A 312 5.64 -10.06 -9.80
CA ILE A 312 5.29 -9.51 -8.49
C ILE A 312 5.60 -10.47 -7.35
N LEU A 313 6.29 -9.98 -6.33
CA LEU A 313 6.62 -10.80 -5.16
C LEU A 313 5.58 -10.54 -4.08
N THR A 314 5.22 -11.60 -3.33
CA THR A 314 4.22 -11.53 -2.26
C THR A 314 4.66 -12.43 -1.10
N PHE A 315 3.89 -12.44 -0.03
CA PHE A 315 4.21 -13.25 1.14
C PHE A 315 4.38 -14.74 0.78
N TRP A 316 3.77 -15.18 -0.32
CA TRP A 316 3.88 -16.58 -0.74
C TRP A 316 5.34 -16.93 -1.01
N ASP A 317 6.10 -15.94 -1.49
CA ASP A 317 7.51 -16.13 -1.78
C ASP A 317 8.34 -15.47 -0.67
N ALA A 318 8.01 -15.84 0.55
CA ALA A 318 8.64 -15.31 1.77
C ALA A 318 10.10 -14.89 1.69
N ARG A 319 10.97 -15.83 1.37
CA ARG A 319 12.41 -15.53 1.33
C ARG A 319 12.76 -14.33 0.44
N LEU A 320 12.33 -14.35 -0.81
CA LEU A 320 12.62 -13.24 -1.71
C LEU A 320 11.81 -12.00 -1.35
N TYR A 321 10.58 -12.18 -0.86
CA TYR A 321 9.73 -11.05 -0.47
C TYR A 321 10.38 -10.19 0.61
N LYS A 322 10.91 -10.82 1.64
CA LYS A 322 11.56 -10.07 2.71
C LYS A 322 12.74 -9.26 2.19
N MET A 323 13.45 -9.81 1.22
CA MET A 323 14.60 -9.12 0.64
C MET A 323 14.15 -7.90 -0.18
N ALA A 324 13.05 -8.06 -0.92
CA ALA A 324 12.53 -6.97 -1.74
C ALA A 324 12.03 -5.84 -0.85
N VAL A 325 11.29 -6.20 0.19
CA VAL A 325 10.77 -5.21 1.14
C VAL A 325 11.93 -4.51 1.84
N GLY A 326 12.96 -5.28 2.21
CA GLY A 326 14.11 -4.71 2.87
C GLY A 326 14.84 -3.70 2.00
N PHE A 327 15.00 -4.03 0.73
CA PHE A 327 15.68 -3.12 -0.19
C PHE A 327 14.85 -1.85 -0.27
N MET A 328 13.54 -2.00 -0.44
CA MET A 328 12.65 -0.84 -0.53
C MET A 328 12.75 0.07 0.67
N LEU A 329 12.61 -0.50 1.86
CA LEU A 329 12.65 0.30 3.08
C LEU A 329 14.01 0.94 3.37
N ALA A 330 15.07 0.41 2.78
CA ALA A 330 16.41 0.96 2.98
C ALA A 330 16.73 2.08 2.00
N HIS A 331 16.15 2.00 0.80
CA HIS A 331 16.38 2.99 -0.27
C HIS A 331 15.51 4.25 -0.08
N PRO A 332 16.13 5.44 -0.24
CA PRO A 332 15.45 6.74 -0.07
C PRO A 332 14.33 7.13 -1.03
N TYR A 333 14.25 6.45 -2.18
CA TYR A 333 13.21 6.76 -3.14
C TYR A 333 11.78 6.56 -2.64
N GLY A 334 10.94 7.58 -2.83
CA GLY A 334 9.54 7.54 -2.46
C GLY A 334 9.08 7.36 -1.03
N PHE A 335 7.76 7.28 -0.87
CA PHE A 335 7.12 7.05 0.43
C PHE A 335 6.66 5.60 0.39
N THR A 336 7.11 4.83 1.36
CA THR A 336 6.86 3.40 1.45
C THR A 336 5.55 2.88 2.07
N ARG A 337 4.94 1.91 1.41
CA ARG A 337 3.72 1.29 1.91
C ARG A 337 3.97 -0.22 2.06
N VAL A 338 3.80 -0.72 3.29
CA VAL A 338 4.00 -2.14 3.59
C VAL A 338 2.67 -2.87 3.43
N MET A 339 2.70 -4.04 2.81
CA MET A 339 1.47 -4.79 2.61
C MET A 339 1.19 -5.72 3.79
N SER A 340 -0.09 -5.90 4.11
CA SER A 340 -0.46 -6.81 5.18
C SER A 340 -1.72 -7.52 4.68
N SER A 341 -1.61 -8.82 4.49
CA SER A 341 -2.71 -9.59 3.95
C SER A 341 -3.18 -10.81 4.73
N TYR A 342 -4.08 -11.55 4.09
CA TYR A 342 -4.62 -12.79 4.64
C TYR A 342 -4.35 -13.90 3.65
N ARG A 343 -4.36 -15.13 4.15
CA ARG A 343 -4.13 -16.31 3.33
C ARG A 343 -5.44 -16.78 2.74
N TRP A 344 -5.39 -17.25 1.49
CA TRP A 344 -6.56 -17.79 0.82
C TRP A 344 -6.07 -19.04 0.09
N PRO A 345 -6.98 -19.96 -0.24
CA PRO A 345 -6.57 -21.19 -0.94
C PRO A 345 -6.21 -20.99 -2.40
N ARG A 346 -4.96 -20.61 -2.66
CA ARG A 346 -4.51 -20.41 -4.04
C ARG A 346 -4.65 -21.72 -4.79
N GLN A 347 -5.36 -21.68 -5.92
CA GLN A 347 -5.55 -22.88 -6.73
C GLN A 347 -5.24 -22.55 -8.18
N PHE A 348 -4.02 -22.83 -8.61
CA PHE A 348 -3.59 -22.54 -9.97
C PHE A 348 -4.02 -23.56 -11.01
N GLN A 349 -4.65 -23.07 -12.07
CA GLN A 349 -5.12 -23.91 -13.18
C GLN A 349 -4.73 -23.21 -14.47
N ASN A 350 -3.94 -23.89 -15.29
CA ASN A 350 -3.46 -23.34 -16.56
C ASN A 350 -2.83 -21.96 -16.39
N GLY A 351 -2.02 -21.82 -15.33
CA GLY A 351 -1.34 -20.57 -15.09
C GLY A 351 -2.08 -19.49 -14.31
N ASN A 352 -3.32 -19.75 -13.90
CA ASN A 352 -4.08 -18.76 -13.14
C ASN A 352 -4.77 -19.31 -11.90
N ASP A 353 -4.85 -18.47 -10.87
CA ASP A 353 -5.47 -18.83 -9.60
C ASP A 353 -6.99 -18.66 -9.68
N VAL A 354 -7.71 -19.78 -9.62
CA VAL A 354 -9.17 -19.75 -9.70
C VAL A 354 -9.83 -19.18 -8.45
N ASN A 355 -9.09 -19.11 -7.35
CA ASN A 355 -9.65 -18.57 -6.11
C ASN A 355 -9.13 -17.16 -5.80
N ASP A 356 -8.83 -16.38 -6.84
CA ASP A 356 -8.33 -15.03 -6.63
C ASP A 356 -9.41 -14.07 -6.15
N TRP A 357 -10.62 -14.59 -5.96
CA TRP A 357 -11.75 -13.77 -5.50
C TRP A 357 -12.02 -13.92 -4.01
N VAL A 358 -11.50 -14.98 -3.41
CA VAL A 358 -11.74 -15.26 -1.99
C VAL A 358 -11.54 -14.06 -1.07
N GLY A 359 -12.55 -13.82 -0.25
CA GLY A 359 -12.50 -12.70 0.69
C GLY A 359 -11.72 -13.00 1.95
N PRO A 360 -11.72 -12.06 2.90
CA PRO A 360 -11.00 -12.23 4.17
C PRO A 360 -11.52 -13.41 4.98
N PRO A 361 -10.72 -13.90 5.94
CA PRO A 361 -11.11 -15.03 6.80
C PRO A 361 -12.45 -14.67 7.44
N ASN A 362 -13.42 -15.57 7.37
CA ASN A 362 -14.73 -15.27 7.92
C ASN A 362 -15.48 -16.51 8.39
N ASN A 363 -16.53 -16.28 9.17
CA ASN A 363 -17.40 -17.34 9.67
C ASN A 363 -18.81 -16.93 9.22
N ASN A 364 -19.32 -17.63 8.21
CA ASN A 364 -20.63 -17.35 7.66
C ASN A 364 -20.71 -15.91 7.14
N GLY A 365 -19.59 -15.40 6.61
CA GLY A 365 -19.59 -14.05 6.09
C GLY A 365 -19.12 -12.99 7.08
N VAL A 366 -19.01 -13.36 8.35
CA VAL A 366 -18.55 -12.40 9.35
C VAL A 366 -17.03 -12.48 9.46
N ILE A 367 -16.35 -11.39 9.10
CA ILE A 367 -14.90 -11.36 9.15
C ILE A 367 -14.35 -11.79 10.50
N LYS A 368 -13.35 -12.65 10.47
CA LYS A 368 -12.72 -13.15 11.69
C LYS A 368 -11.80 -12.12 12.31
N GLU A 369 -11.71 -12.13 13.64
CA GLU A 369 -10.86 -11.20 14.37
C GLU A 369 -9.39 -11.59 14.22
N VAL A 370 -8.51 -10.60 14.30
CA VAL A 370 -7.08 -10.86 14.19
C VAL A 370 -6.56 -11.31 15.55
N THR A 371 -6.22 -12.59 15.66
CA THR A 371 -5.71 -13.11 16.92
C THR A 371 -4.19 -13.05 16.93
N ILE A 372 -3.61 -12.76 18.10
CA ILE A 372 -2.16 -12.67 18.20
C ILE A 372 -1.59 -13.85 18.97
N ASN A 373 -0.56 -14.47 18.41
CA ASN A 373 0.07 -15.61 19.05
C ASN A 373 1.17 -15.14 20.00
N PRO A 374 1.61 -16.01 20.91
CA PRO A 374 2.67 -15.66 21.87
C PRO A 374 3.99 -15.21 21.24
N ASP A 375 4.15 -15.44 19.94
CA ASP A 375 5.40 -15.05 19.26
C ASP A 375 5.19 -13.82 18.40
N THR A 376 4.10 -13.09 18.70
CA THR A 376 3.72 -11.87 18.00
C THR A 376 3.20 -12.08 16.59
N THR A 377 3.05 -13.33 16.16
CA THR A 377 2.53 -13.61 14.82
C THR A 377 1.00 -13.62 14.92
N CYS A 378 0.32 -13.69 13.79
CA CYS A 378 -1.14 -13.68 13.79
C CYS A 378 -1.73 -15.05 13.48
N GLY A 379 -2.97 -15.25 13.94
CA GLY A 379 -3.68 -16.49 13.69
C GLY A 379 -4.89 -16.15 12.82
N ASN A 380 -5.83 -17.09 12.72
CA ASN A 380 -7.05 -16.92 11.91
C ASN A 380 -6.81 -16.64 10.44
N ASP A 381 -5.65 -17.08 9.95
CA ASP A 381 -5.25 -16.93 8.56
C ASP A 381 -4.82 -15.53 8.13
N TRP A 382 -4.53 -14.67 9.11
CA TRP A 382 -4.04 -13.34 8.79
C TRP A 382 -2.53 -13.49 8.73
N VAL A 383 -1.92 -13.06 7.65
CA VAL A 383 -0.48 -13.19 7.47
C VAL A 383 0.33 -12.24 8.33
N CYS A 384 -0.14 -11.00 8.43
CA CYS A 384 0.54 -9.98 9.21
C CYS A 384 2.01 -9.79 8.86
N GLU A 385 2.30 -9.53 7.58
CA GLU A 385 3.69 -9.34 7.19
C GLU A 385 4.33 -8.21 7.98
N HIS A 386 3.54 -7.21 8.34
CA HIS A 386 4.08 -6.09 9.10
C HIS A 386 4.57 -6.51 10.47
N ARG A 387 4.24 -7.73 10.89
CA ARG A 387 4.70 -8.22 12.19
C ARG A 387 5.94 -9.12 12.05
N TRP A 388 6.30 -9.47 10.82
CA TRP A 388 7.50 -10.30 10.61
C TRP A 388 8.71 -9.51 11.09
N ARG A 389 9.55 -10.14 11.92
CA ARG A 389 10.72 -9.46 12.45
C ARG A 389 11.50 -8.69 11.38
N GLN A 390 11.80 -9.38 10.28
CA GLN A 390 12.56 -8.79 9.18
C GLN A 390 11.94 -7.54 8.56
N ILE A 391 10.62 -7.51 8.45
CA ILE A 391 9.94 -6.37 7.88
C ILE A 391 9.80 -5.26 8.90
N ARG A 392 9.37 -5.63 10.10
CA ARG A 392 9.19 -4.66 11.17
C ARG A 392 10.48 -3.94 11.49
N ASN A 393 11.58 -4.68 11.57
CA ASN A 393 12.85 -4.04 11.88
C ASN A 393 13.36 -3.11 10.79
N MET A 394 12.96 -3.37 9.54
CA MET A 394 13.37 -2.51 8.44
C MET A 394 12.50 -1.25 8.42
N VAL A 395 11.29 -1.36 8.98
CA VAL A 395 10.39 -0.20 9.06
C VAL A 395 11.08 0.78 10.02
N ILE A 396 11.63 0.23 11.10
CA ILE A 396 12.35 1.06 12.08
C ILE A 396 13.62 1.59 11.42
N PHE A 397 14.29 0.74 10.63
CA PHE A 397 15.51 1.12 9.93
C PHE A 397 15.29 2.41 9.13
N ARG A 398 14.19 2.46 8.38
CA ARG A 398 13.88 3.63 7.56
C ARG A 398 13.69 4.88 8.39
N ASN A 399 13.09 4.72 9.57
CA ASN A 399 12.85 5.85 10.49
C ASN A 399 14.18 6.41 10.98
N VAL A 400 15.08 5.51 11.40
CA VAL A 400 16.40 5.88 11.93
C VAL A 400 17.28 6.63 10.93
N VAL A 401 17.24 6.20 9.67
CA VAL A 401 18.05 6.80 8.62
C VAL A 401 17.33 7.87 7.81
N ASP A 402 16.12 8.22 8.21
CA ASP A 402 15.33 9.22 7.51
C ASP A 402 16.17 10.49 7.29
N GLY A 403 16.34 10.89 6.04
CA GLY A 403 17.10 12.10 5.75
C GLY A 403 18.55 11.90 5.32
N GLN A 404 19.12 10.74 5.64
CA GLN A 404 20.51 10.43 5.29
C GLN A 404 20.66 10.08 3.81
N PRO A 405 21.77 10.50 3.19
CA PRO A 405 22.03 10.24 1.77
C PRO A 405 22.38 8.80 1.44
N PHE A 406 22.28 8.47 0.16
CA PHE A 406 22.59 7.15 -0.38
C PHE A 406 24.10 7.17 -0.63
N THR A 407 24.85 6.33 0.08
CA THR A 407 26.30 6.29 -0.11
C THR A 407 26.93 4.92 0.09
N ASN A 408 28.24 4.87 -0.10
CA ASN A 408 29.03 3.65 0.07
C ASN A 408 28.45 2.43 -0.63
N TRP A 409 28.05 2.59 -1.89
CA TRP A 409 27.49 1.50 -2.66
C TRP A 409 28.57 0.52 -3.12
N TYR A 410 28.23 -0.75 -3.11
CA TYR A 410 29.15 -1.79 -3.56
C TYR A 410 28.39 -2.89 -4.28
N ASP A 411 28.99 -3.47 -5.31
CA ASP A 411 28.37 -4.58 -6.03
C ASP A 411 29.48 -5.41 -6.65
N ASN A 412 29.27 -6.72 -6.77
CA ASN A 412 30.28 -7.60 -7.34
C ASN A 412 30.01 -7.84 -8.81
N GLY A 413 29.23 -6.95 -9.43
CA GLY A 413 28.91 -7.12 -10.83
C GLY A 413 27.84 -8.17 -11.05
N SER A 414 27.38 -8.79 -9.98
CA SER A 414 26.36 -9.82 -10.11
C SER A 414 25.16 -9.55 -9.19
N ASN A 415 25.00 -10.35 -8.14
CA ASN A 415 23.87 -10.16 -7.24
C ASN A 415 24.22 -9.96 -5.77
N GLN A 416 25.43 -9.46 -5.51
CA GLN A 416 25.86 -9.19 -4.15
C GLN A 416 26.15 -7.69 -4.09
N VAL A 417 25.26 -6.95 -3.44
CA VAL A 417 25.38 -5.49 -3.33
C VAL A 417 25.26 -5.01 -1.88
N ALA A 418 25.64 -3.76 -1.65
CA ALA A 418 25.57 -3.17 -0.33
C ALA A 418 25.61 -1.66 -0.45
N PHE A 419 24.94 -0.97 0.47
CA PHE A 419 24.96 0.49 0.45
C PHE A 419 24.59 1.00 1.82
N GLY A 420 24.97 2.24 2.10
CA GLY A 420 24.67 2.82 3.38
C GLY A 420 23.82 4.05 3.28
N ARG A 421 23.31 4.48 4.43
CA ARG A 421 22.50 5.67 4.50
C ARG A 421 23.21 6.59 5.46
N GLY A 422 24.05 7.46 4.90
CA GLY A 422 24.82 8.38 5.73
C GLY A 422 25.63 7.59 6.74
N ASN A 423 25.61 8.02 8.00
CA ASN A 423 26.36 7.33 9.04
C ASN A 423 25.38 6.75 10.05
N ARG A 424 24.16 6.45 9.61
CA ARG A 424 23.12 5.92 10.48
C ARG A 424 22.70 4.48 10.18
N GLY A 425 23.13 3.96 9.04
CA GLY A 425 22.76 2.59 8.69
C GLY A 425 23.46 1.99 7.49
N PHE A 426 23.53 0.67 7.47
CA PHE A 426 24.18 -0.06 6.40
C PHE A 426 23.44 -1.37 6.14
N ILE A 427 23.37 -1.78 4.88
CA ILE A 427 22.68 -3.02 4.52
C ILE A 427 23.37 -3.76 3.39
N VAL A 428 23.44 -5.09 3.51
CA VAL A 428 24.13 -5.92 2.53
C VAL A 428 23.23 -7.04 2.03
N PHE A 429 23.30 -7.31 0.72
CA PHE A 429 22.48 -8.36 0.11
C PHE A 429 23.32 -9.39 -0.67
N ASN A 430 22.93 -10.65 -0.57
CA ASN A 430 23.59 -11.73 -1.30
C ASN A 430 22.49 -12.52 -2.00
N ASN A 431 22.32 -12.31 -3.30
CA ASN A 431 21.30 -13.05 -4.04
C ASN A 431 21.94 -13.89 -5.14
N ASP A 432 23.24 -14.17 -4.99
CA ASP A 432 23.95 -15.01 -5.95
C ASP A 432 23.91 -16.43 -5.42
N ASP A 433 24.35 -17.39 -6.24
CA ASP A 433 24.35 -18.79 -5.84
C ASP A 433 25.60 -19.24 -5.08
N TRP A 434 26.33 -18.27 -4.52
CA TRP A 434 27.52 -18.60 -3.75
C TRP A 434 27.63 -17.68 -2.55
N SER A 435 28.54 -18.00 -1.64
CA SER A 435 28.70 -17.20 -0.44
C SER A 435 29.37 -15.85 -0.62
N PHE A 436 29.05 -14.94 0.29
CA PHE A 436 29.62 -13.60 0.29
C PHE A 436 30.39 -13.44 1.59
N SER A 437 31.64 -12.98 1.49
CA SER A 437 32.47 -12.78 2.67
C SER A 437 33.52 -11.74 2.33
N LEU A 438 33.23 -10.49 2.64
CA LEU A 438 34.15 -9.40 2.33
C LEU A 438 34.05 -8.27 3.35
N THR A 439 35.13 -7.51 3.49
CA THR A 439 35.18 -6.38 4.39
C THR A 439 34.76 -5.14 3.60
N LEU A 440 33.70 -4.47 4.02
CA LEU A 440 33.22 -3.27 3.33
C LEU A 440 33.25 -2.03 4.20
N GLN A 441 33.27 -0.87 3.54
CA GLN A 441 33.26 0.42 4.21
C GLN A 441 31.80 0.71 4.51
N THR A 442 31.48 0.95 5.78
CA THR A 442 30.09 1.20 6.16
C THR A 442 29.73 2.66 6.38
N GLY A 443 30.71 3.45 6.77
CA GLY A 443 30.43 4.85 7.03
C GLY A 443 29.85 5.01 8.43
N LEU A 444 29.77 3.91 9.17
CA LEU A 444 29.24 3.94 10.54
C LEU A 444 30.36 4.08 11.55
N PRO A 445 30.05 4.61 12.75
CA PRO A 445 31.07 4.78 13.79
C PRO A 445 31.45 3.43 14.39
N ALA A 446 32.68 3.35 14.91
CA ALA A 446 33.19 2.12 15.51
C ALA A 446 32.26 1.58 16.60
N GLY A 447 32.18 0.26 16.71
CA GLY A 447 31.33 -0.36 17.71
C GLY A 447 30.76 -1.70 17.27
N THR A 448 29.97 -2.31 18.13
CA THR A 448 29.34 -3.61 17.86
C THR A 448 27.86 -3.40 17.54
N TYR A 449 27.43 -3.87 16.37
CA TYR A 449 26.04 -3.70 15.97
C TYR A 449 25.27 -5.02 15.88
N CYS A 450 23.98 -4.94 16.20
CA CYS A 450 23.12 -6.11 16.13
C CYS A 450 22.48 -6.13 14.76
N ASP A 451 22.53 -7.27 14.09
CA ASP A 451 21.90 -7.42 12.80
C ASP A 451 20.40 -7.47 13.10
N VAL A 452 19.65 -6.52 12.55
CA VAL A 452 18.20 -6.47 12.81
C VAL A 452 17.35 -7.41 11.97
N ILE A 453 17.99 -8.15 11.07
CA ILE A 453 17.25 -9.09 10.24
C ILE A 453 17.22 -10.46 10.90
N SER A 454 18.38 -10.93 11.34
CA SER A 454 18.45 -12.25 11.98
C SER A 454 18.13 -12.20 13.47
N GLY A 455 17.96 -11.00 14.01
CA GLY A 455 17.66 -10.89 15.42
C GLY A 455 17.25 -9.49 15.84
N ASP A 456 17.40 -9.22 17.13
CA ASP A 456 17.06 -7.92 17.72
C ASP A 456 18.12 -7.54 18.73
N LYS A 457 18.01 -6.31 19.22
CA LYS A 457 18.90 -5.78 20.24
C LYS A 457 18.05 -5.76 21.50
N ILE A 458 18.28 -6.71 22.40
CA ILE A 458 17.50 -6.78 23.63
C ILE A 458 18.41 -6.72 24.86
N ASN A 459 18.05 -5.85 25.79
CA ASN A 459 18.78 -5.62 27.03
C ASN A 459 20.29 -5.79 26.92
N GLY A 460 20.91 -4.90 26.15
CA GLY A 460 22.36 -4.93 25.99
C GLY A 460 22.96 -6.07 25.18
N ASN A 461 22.13 -6.85 24.49
CA ASN A 461 22.64 -7.96 23.70
C ASN A 461 21.88 -8.19 22.40
N CYS A 462 22.54 -8.86 21.46
CA CYS A 462 21.96 -9.18 20.16
C CYS A 462 21.51 -10.63 20.27
N THR A 463 20.37 -10.95 19.67
CA THR A 463 19.85 -12.31 19.70
C THR A 463 20.32 -13.06 18.47
N GLY A 464 20.78 -12.32 17.46
CA GLY A 464 21.25 -12.94 16.24
C GLY A 464 22.68 -12.59 15.91
N ILE A 465 22.93 -12.31 14.63
CA ILE A 465 24.26 -11.97 14.14
C ILE A 465 24.75 -10.63 14.68
N LYS A 466 26.05 -10.55 14.95
CA LYS A 466 26.66 -9.33 15.46
C LYS A 466 27.71 -8.85 14.47
N ILE A 467 27.76 -7.54 14.26
CA ILE A 467 28.73 -6.95 13.34
C ILE A 467 29.68 -6.04 14.10
N TYR A 468 30.96 -6.05 13.72
CA TYR A 468 31.96 -5.22 14.39
C TYR A 468 32.53 -4.19 13.42
N VAL A 469 32.28 -2.92 13.70
CA VAL A 469 32.76 -1.85 12.86
C VAL A 469 34.04 -1.26 13.46
N SER A 470 35.09 -1.21 12.65
CA SER A 470 36.39 -0.70 13.09
C SER A 470 36.42 0.82 13.06
N ASP A 471 37.51 1.39 13.58
CA ASP A 471 37.66 2.84 13.63
C ASP A 471 37.52 3.51 12.27
N ASP A 472 37.98 2.84 11.21
CA ASP A 472 37.89 3.43 9.87
C ASP A 472 36.55 3.16 9.19
N GLY A 473 35.60 2.60 9.94
CA GLY A 473 34.28 2.34 9.37
C GLY A 473 34.12 1.03 8.63
N LYS A 474 35.19 0.25 8.54
CA LYS A 474 35.13 -1.03 7.86
C LYS A 474 34.55 -2.12 8.76
N ALA A 475 33.85 -3.06 8.16
CA ALA A 475 33.26 -4.16 8.90
C ALA A 475 33.22 -5.40 8.02
N HIS A 476 33.38 -6.57 8.64
CA HIS A 476 33.35 -7.81 7.87
C HIS A 476 31.92 -8.36 7.84
N PHE A 477 31.51 -8.83 6.67
CA PHE A 477 30.19 -9.41 6.48
C PHE A 477 30.31 -10.79 5.85
N SER A 478 29.58 -11.76 6.39
CA SER A 478 29.60 -13.11 5.89
C SER A 478 28.15 -13.56 5.69
N ILE A 479 27.75 -13.79 4.45
CA ILE A 479 26.39 -14.24 4.16
C ILE A 479 26.39 -15.43 3.23
N SER A 480 25.96 -16.57 3.75
CA SER A 480 25.90 -17.80 2.96
C SER A 480 24.63 -17.79 2.12
N ASN A 481 24.73 -18.30 0.89
CA ASN A 481 23.57 -18.35 0.01
C ASN A 481 22.55 -19.34 0.55
N SER A 482 22.89 -19.98 1.66
CA SER A 482 22.03 -20.97 2.30
C SER A 482 21.32 -20.38 3.52
N ALA A 483 21.65 -19.14 3.87
CA ALA A 483 21.05 -18.49 5.03
C ALA A 483 19.55 -18.30 4.85
N GLU A 484 18.80 -18.33 5.95
CA GLU A 484 17.35 -18.16 5.87
C GLU A 484 17.07 -16.81 5.22
N ASP A 485 17.69 -15.75 5.74
CA ASP A 485 17.53 -14.42 5.20
C ASP A 485 18.89 -14.01 4.67
N PRO A 486 19.06 -14.05 3.34
CA PRO A 486 20.33 -13.67 2.72
C PRO A 486 20.74 -12.21 2.75
N PHE A 487 20.35 -11.47 3.80
CA PHE A 487 20.76 -10.08 3.88
C PHE A 487 20.91 -9.61 5.33
N ILE A 488 21.79 -8.63 5.52
CA ILE A 488 22.09 -8.07 6.84
C ILE A 488 21.94 -6.55 6.87
N ALA A 489 21.29 -6.03 7.90
CA ALA A 489 21.09 -4.59 8.04
C ALA A 489 21.42 -4.14 9.46
N ILE A 490 22.22 -3.09 9.58
CA ILE A 490 22.59 -2.55 10.89
C ILE A 490 22.43 -1.05 10.88
N HIS A 491 22.02 -0.47 12.01
CA HIS A 491 21.86 0.97 12.08
C HIS A 491 22.19 1.53 13.47
N ALA A 492 22.21 2.86 13.55
CA ALA A 492 22.54 3.57 14.79
C ALA A 492 21.84 3.07 16.05
N GLU A 493 20.60 2.61 15.92
CA GLU A 493 19.87 2.13 17.09
C GLU A 493 20.03 0.65 17.41
N SER A 494 20.84 -0.07 16.63
CA SER A 494 21.04 -1.49 16.91
C SER A 494 22.47 -1.69 17.43
N LYS A 495 23.13 -0.57 17.71
CA LYS A 495 24.49 -0.59 18.23
C LYS A 495 24.48 -0.79 19.74
N LEU A 496 25.37 -1.66 20.22
CA LEU A 496 25.47 -1.93 21.66
C LEU A 496 26.03 -0.76 22.43
#